data_1FHV
#
_entry.id   1FHV
#
_cell.length_a   71.800
_cell.length_b   83.000
_cell.length_c   57.400
_cell.angle_alpha   90.00
_cell.angle_beta   90.00
_cell.angle_gamma   90.00
#
_symmetry.space_group_name_H-M   'P 21 21 2'
#
loop_
_entity.id
_entity.type
_entity.pdbx_description
1 polymer 'O-SUCCINYLBENZOATE SYNTHASE'
2 non-polymer 'MAGNESIUM ION'
3 non-polymer 2-SUCCINYLBENZOATE
4 water water
#
_entity_poly.entity_id   1
_entity_poly.type   'polypeptide(L)'
_entity_poly.pdbx_seq_one_letter_code
;GSAMRSAQVYRWQIPMDAGVVLRDRRLKTRDGLYVCLREGEREGWGEISPLPGFSQETWEEAQSVLLAWVNNWLAGDCEL
PQMPSVAFGVSCALAELTDTLPQAANYRAAPLCNGDPDDLILKLADMPGEKVAKVKVGLYEAVRDGMVVNLLLEAIPDLH
LRLDANRAWTPLKGQQFAKYVNPDYRDRIAFLEEPCKTRDDSRAFARETGIAIAWDESLREPDFAFVAEEGVRAVVIKPT
LTGSLEKVREQVQAAHALGLTAVISSSIESSLGLTQLARIAAWLTPDTIPGLDTLDLMQAQQVRRWPGSTLPVVEVDALE
RLL
;
_entity_poly.pdbx_strand_id   A
#
# COMPACT_ATOMS: atom_id res chain seq x y z
N GLY A 1 36.25 1.62 9.50
CA GLY A 1 36.80 0.34 9.08
C GLY A 1 36.16 -0.82 9.85
N SER A 2 35.39 -0.47 10.88
CA SER A 2 34.73 -1.43 11.74
C SER A 2 33.76 -2.32 10.99
N ALA A 3 33.76 -3.60 11.29
CA ALA A 3 32.79 -4.49 10.74
C ALA A 3 31.90 -4.96 11.87
N MET A 4 31.92 -4.17 13.00
CA MET A 4 31.22 -4.51 14.20
C MET A 4 29.70 -4.34 14.08
N ARG A 5 28.95 -5.40 14.39
CA ARG A 5 27.50 -5.33 14.30
C ARG A 5 26.86 -4.90 15.57
N SER A 6 25.86 -4.03 15.44
CA SER A 6 25.03 -3.65 16.56
C SER A 6 23.60 -3.40 16.05
N ALA A 7 22.66 -3.32 16.97
CA ALA A 7 21.29 -3.11 16.51
C ALA A 7 20.41 -2.53 17.57
N GLN A 8 19.31 -1.90 17.15
CA GLN A 8 18.36 -1.45 18.14
C GLN A 8 16.97 -1.76 17.63
N VAL A 9 16.04 -2.01 18.56
CA VAL A 9 14.64 -2.26 18.20
C VAL A 9 13.76 -1.26 18.93
N TYR A 10 12.95 -0.52 18.19
CA TYR A 10 12.04 0.47 18.80
C TYR A 10 10.60 0.05 18.71
N ARG A 11 9.86 0.33 19.77
CA ARG A 11 8.44 0.03 19.84
C ARG A 11 7.65 1.34 19.93
N TRP A 12 6.54 1.43 19.20
CA TRP A 12 5.84 2.68 19.19
C TRP A 12 4.38 2.59 18.86
N GLN A 13 3.73 3.69 19.13
CA GLN A 13 2.30 3.90 18.87
C GLN A 13 2.04 5.32 18.38
N ILE A 14 1.47 5.42 17.20
CA ILE A 14 1.18 6.71 16.64
C ILE A 14 -0.32 6.92 16.67
N PRO A 15 -0.80 7.98 17.30
CA PRO A 15 -2.25 8.21 17.33
C PRO A 15 -2.78 8.47 15.96
N MET A 16 -3.92 7.84 15.59
CA MET A 16 -4.52 8.14 14.30
C MET A 16 -5.45 9.34 14.41
N ASP A 17 -5.70 9.97 13.31
CA ASP A 17 -6.68 11.06 13.37
C ASP A 17 -8.02 10.45 13.77
N ALA A 18 -8.94 11.24 14.33
CA ALA A 18 -10.23 10.65 14.69
C ALA A 18 -11.01 10.18 13.45
N GLY A 19 -11.74 9.07 13.62
CA GLY A 19 -12.62 8.60 12.55
C GLY A 19 -12.01 7.65 11.56
N VAL A 20 -10.77 7.21 11.77
CA VAL A 20 -10.22 6.27 10.82
C VAL A 20 -10.91 4.92 10.90
N VAL A 21 -11.31 4.39 9.75
CA VAL A 21 -11.88 3.05 9.78
C VAL A 21 -11.21 2.16 8.75
N LEU A 22 -11.04 0.91 9.13
CA LEU A 22 -10.41 -0.14 8.32
C LEU A 22 -11.36 -1.30 8.23
N ARG A 23 -11.84 -1.65 7.03
CA ARG A 23 -12.75 -2.78 6.88
C ARG A 23 -13.90 -2.71 7.92
N ASP A 24 -14.62 -1.57 7.91
CA ASP A 24 -15.76 -1.34 8.80
C ASP A 24 -15.46 -1.39 10.29
N ARG A 25 -14.18 -1.27 10.63
CA ARG A 25 -13.77 -1.22 12.03
C ARG A 25 -12.87 0.00 12.29
N ARG A 26 -12.97 0.57 13.48
CA ARG A 26 -12.22 1.79 13.82
C ARG A 26 -10.78 1.51 14.18
N LEU A 27 -9.92 2.43 13.85
CA LEU A 27 -8.52 2.27 14.20
C LEU A 27 -8.05 3.46 15.00
N LYS A 28 -7.78 3.26 16.29
CA LYS A 28 -7.39 4.38 17.13
C LYS A 28 -5.95 4.77 17.07
N THR A 29 -5.13 3.74 17.06
N THR A 29 -5.12 3.75 17.07
CA THR A 29 -3.70 3.93 17.08
CA THR A 29 -3.71 3.98 17.04
C THR A 29 -3.01 2.99 16.11
C THR A 29 -3.01 2.99 16.13
N ARG A 30 -1.84 3.40 15.67
CA ARG A 30 -1.05 2.55 14.82
C ARG A 30 0.16 2.10 15.66
N ASP A 31 0.20 0.81 15.97
CA ASP A 31 1.29 0.21 16.77
C ASP A 31 2.30 -0.42 15.84
N GLY A 32 3.56 -0.32 16.18
CA GLY A 32 4.56 -0.86 15.25
C GLY A 32 5.93 -0.90 15.90
N LEU A 33 6.91 -1.22 15.06
CA LEU A 33 8.30 -1.39 15.46
C LEU A 33 9.24 -0.91 14.36
N TYR A 34 10.42 -0.52 14.80
CA TYR A 34 11.47 -0.26 13.84
C TYR A 34 12.67 -1.12 14.25
N VAL A 35 13.50 -1.37 13.26
CA VAL A 35 14.76 -2.01 13.54
C VAL A 35 15.81 -1.15 12.94
N CYS A 36 16.91 -1.00 13.67
CA CYS A 36 18.04 -0.25 13.12
C CYS A 36 19.25 -1.18 13.24
N LEU A 37 19.81 -1.54 12.11
CA LEU A 37 20.98 -2.40 12.12
C LEU A 37 22.21 -1.54 11.78
N ARG A 38 23.30 -1.79 12.52
CA ARG A 38 24.58 -1.14 12.25
C ARG A 38 25.73 -2.15 12.03
N GLU A 39 26.56 -1.86 11.04
CA GLU A 39 27.76 -2.66 10.76
C GLU A 39 28.88 -1.65 10.48
N GLY A 40 29.61 -1.24 11.52
CA GLY A 40 30.64 -0.23 11.33
C GLY A 40 29.97 1.13 11.18
N ARG A 42 28.14 2.11 8.82
CA ARG A 42 26.98 1.73 8.03
C ARG A 42 25.73 1.52 8.88
N GLU A 43 24.58 1.86 8.34
CA GLU A 43 23.37 1.73 9.12
C GLU A 43 22.15 1.53 8.22
N GLY A 44 21.21 0.71 8.69
CA GLY A 44 20.01 0.45 7.91
C GLY A 44 18.80 0.37 8.84
N TRP A 45 17.65 0.85 8.32
CA TRP A 45 16.43 0.85 9.09
C TRP A 45 15.31 0.08 8.32
N GLY A 46 14.34 -0.38 9.11
CA GLY A 46 13.16 -1.05 8.59
C GLY A 46 11.99 -0.90 9.56
N GLU A 47 10.78 -1.03 8.99
CA GLU A 47 9.52 -0.91 9.77
C GLU A 47 8.81 -2.26 9.80
N ILE A 48 8.48 -2.70 10.98
CA ILE A 48 7.77 -3.95 11.19
C ILE A 48 6.42 -3.60 11.86
N SER A 49 5.36 -3.44 11.06
CA SER A 49 4.09 -3.03 11.60
C SER A 49 2.92 -3.82 11.04
N PRO A 50 2.74 -4.99 11.55
CA PRO A 50 1.61 -5.76 11.10
C PRO A 50 0.34 -4.92 11.33
N LEU A 51 -0.61 -5.08 10.42
CA LEU A 51 -1.88 -4.34 10.42
C LEU A 51 -3.06 -5.20 10.90
N PRO A 52 -3.64 -4.83 12.03
CA PRO A 52 -4.74 -5.57 12.58
C PRO A 52 -5.84 -5.79 11.56
N GLY A 53 -6.31 -7.04 11.51
CA GLY A 53 -7.36 -7.38 10.57
C GLY A 53 -6.88 -7.77 9.18
N PHE A 54 -5.62 -7.55 8.92
CA PHE A 54 -5.05 -7.88 7.64
C PHE A 54 -3.94 -8.86 7.83
N SER A 55 -3.00 -8.46 8.64
CA SER A 55 -1.89 -9.36 8.96
C SER A 55 -2.37 -10.53 9.78
N GLN A 56 -1.78 -11.69 9.56
CA GLN A 56 -2.10 -12.82 10.40
C GLN A 56 -1.44 -12.66 11.75
N GLU A 57 -0.22 -12.11 11.76
CA GLU A 57 0.47 -11.98 13.03
C GLU A 57 0.09 -10.70 13.73
N THR A 58 0.29 -10.70 15.04
CA THR A 58 0.09 -9.50 15.85
C THR A 58 1.37 -8.75 16.06
N TRP A 59 1.20 -7.54 16.56
CA TRP A 59 2.29 -6.67 16.91
C TRP A 59 3.24 -7.38 17.87
N GLU A 60 2.66 -8.03 18.87
CA GLU A 60 3.42 -8.75 19.88
C GLU A 60 4.20 -9.91 19.30
N GLU A 61 3.55 -10.67 18.43
CA GLU A 61 4.25 -11.79 17.80
C GLU A 61 5.40 -11.33 16.90
N ALA A 62 5.16 -10.28 16.14
CA ALA A 62 6.18 -9.76 15.25
C ALA A 62 7.36 -9.29 16.07
N GLN A 63 7.05 -8.72 17.23
CA GLN A 63 8.09 -8.22 18.09
C GLN A 63 9.01 -9.34 18.54
N SER A 64 8.40 -10.44 18.93
N SER A 64 8.40 -10.45 18.92
CA SER A 64 9.14 -11.62 19.35
CA SER A 64 9.15 -11.59 19.35
C SER A 64 10.03 -12.13 18.24
C SER A 64 10.03 -12.13 18.24
N VAL A 65 9.44 -12.28 17.06
CA VAL A 65 10.15 -12.81 15.94
C VAL A 65 11.24 -11.87 15.55
N LEU A 66 10.93 -10.59 15.63
CA LEU A 66 11.95 -9.61 15.29
C LEU A 66 13.19 -9.65 16.23
N LEU A 67 12.91 -9.68 17.52
CA LEU A 67 13.96 -9.67 18.49
C LEU A 67 14.84 -10.90 18.33
N ALA A 68 14.21 -12.04 18.12
CA ALA A 68 14.97 -13.28 17.91
C ALA A 68 15.84 -13.20 16.66
N TRP A 69 15.31 -12.62 15.59
CA TRP A 69 16.07 -12.54 14.38
C TRP A 69 17.28 -11.66 14.59
N VAL A 70 17.07 -10.52 15.23
CA VAL A 70 18.16 -9.61 15.48
C VAL A 70 19.27 -10.27 16.32
N ASN A 71 18.87 -11.04 17.32
CA ASN A 71 19.79 -11.79 18.21
C ASN A 71 20.72 -12.69 17.40
N ASN A 72 20.16 -13.24 16.31
CA ASN A 72 20.92 -14.05 15.39
C ASN A 72 21.81 -13.25 14.48
N TRP A 73 21.26 -12.19 13.88
CA TRP A 73 22.02 -11.37 12.93
C TRP A 73 23.29 -10.78 13.53
N LEU A 74 23.18 -10.46 14.81
CA LEU A 74 24.26 -9.89 15.61
C LEU A 74 25.51 -10.80 15.57
N ALA A 75 25.30 -12.11 15.44
CA ALA A 75 26.42 -13.08 15.35
C ALA A 75 26.93 -13.35 13.97
N GLY A 76 26.14 -13.01 12.95
CA GLY A 76 26.51 -13.20 11.56
C GLY A 76 25.24 -13.42 10.71
N ASP A 77 25.41 -13.50 9.40
CA ASP A 77 24.30 -13.67 8.47
C ASP A 77 23.42 -14.85 8.73
N CYS A 78 22.12 -14.66 8.57
CA CYS A 78 21.18 -15.73 8.86
C CYS A 78 20.01 -15.70 7.87
N GLU A 79 19.11 -16.67 7.95
CA GLU A 79 18.00 -16.66 7.03
C GLU A 79 17.01 -15.56 7.44
N LEU A 80 16.31 -15.02 6.48
CA LEU A 80 15.28 -14.04 6.78
C LEU A 80 14.17 -14.66 7.55
N PRO A 81 13.43 -13.82 8.27
CA PRO A 81 12.24 -14.31 8.92
C PRO A 81 11.19 -14.61 7.83
N GLN A 82 10.23 -15.42 8.16
CA GLN A 82 9.19 -15.70 7.19
C GLN A 82 7.93 -14.90 7.51
N MET A 83 7.81 -14.50 8.78
CA MET A 83 6.64 -13.72 9.15
C MET A 83 6.70 -12.43 8.32
N PRO A 84 5.68 -12.16 7.50
CA PRO A 84 5.73 -11.08 6.53
C PRO A 84 6.12 -9.69 7.00
N SER A 85 5.49 -9.18 8.06
CA SER A 85 5.88 -7.82 8.45
C SER A 85 7.32 -7.72 8.86
N VAL A 86 7.80 -8.79 9.53
CA VAL A 86 9.17 -8.86 10.00
C VAL A 86 10.09 -8.99 8.82
N ALA A 87 9.72 -9.92 7.91
CA ALA A 87 10.55 -10.06 6.72
C ALA A 87 10.70 -8.76 5.95
N PHE A 88 9.60 -8.04 5.81
CA PHE A 88 9.69 -6.78 5.09
C PHE A 88 10.66 -5.79 5.76
N GLY A 89 10.40 -5.50 7.03
CA GLY A 89 11.20 -4.51 7.74
C GLY A 89 12.70 -4.91 7.77
N VAL A 90 12.96 -6.15 8.11
CA VAL A 90 14.34 -6.61 8.18
C VAL A 90 15.03 -6.57 6.84
N SER A 91 14.31 -6.98 5.79
CA SER A 91 14.91 -6.98 4.51
C SER A 91 15.17 -5.55 4.05
N CYS A 92 14.32 -4.62 4.47
CA CYS A 92 14.62 -3.27 4.04
C CYS A 92 15.89 -2.77 4.76
N ALA A 93 15.97 -3.06 6.04
CA ALA A 93 17.13 -2.62 6.83
C ALA A 93 18.41 -3.19 6.22
N LEU A 94 18.40 -4.46 5.85
CA LEU A 94 19.57 -5.04 5.21
C LEU A 94 19.91 -4.36 3.92
N ALA A 95 18.88 -4.06 3.11
CA ALA A 95 19.10 -3.41 1.84
C ALA A 95 19.74 -2.02 2.03
N GLU A 96 19.27 -1.31 3.06
CA GLU A 96 19.84 0.01 3.31
C GLU A 96 21.33 -0.16 3.69
N LEU A 97 21.60 -1.19 4.46
CA LEU A 97 22.97 -1.41 4.87
C LEU A 97 23.89 -1.57 3.71
N THR A 98 23.48 -2.34 2.72
CA THR A 98 24.30 -2.61 1.54
C THR A 98 24.06 -1.57 0.47
N ASP A 99 23.25 -0.55 0.80
CA ASP A 99 22.97 0.52 -0.18
C ASP A 99 22.35 0.00 -1.45
N THR A 100 21.52 -1.05 -1.33
CA THR A 100 20.86 -1.62 -2.49
C THR A 100 19.37 -1.23 -2.58
N LEU A 101 18.90 -0.36 -1.72
CA LEU A 101 17.52 0.14 -1.88
C LEU A 101 17.71 1.56 -2.41
N PRO A 102 17.39 1.82 -3.64
CA PRO A 102 17.73 3.13 -4.22
C PRO A 102 17.09 4.35 -3.59
N GLN A 103 17.76 5.48 -3.73
CA GLN A 103 17.19 6.75 -3.25
C GLN A 103 16.25 7.20 -4.37
N ALA A 104 15.31 8.08 -4.07
CA ALA A 104 14.37 8.45 -5.10
C ALA A 104 14.17 9.94 -5.12
N ALA A 105 13.83 10.42 -6.30
CA ALA A 105 13.46 11.83 -6.49
C ALA A 105 12.05 12.04 -5.99
N ASN A 106 11.11 11.18 -6.43
CA ASN A 106 9.68 11.34 -6.14
C ASN A 106 9.16 10.61 -4.95
N TYR A 107 8.42 11.36 -4.09
CA TYR A 107 7.69 10.86 -2.93
C TYR A 107 6.25 11.15 -3.20
N ARG A 108 5.64 10.28 -3.96
CA ARG A 108 4.29 10.55 -4.44
C ARG A 108 3.30 9.46 -4.13
N ALA A 109 2.03 9.88 -4.28
CA ALA A 109 0.90 9.02 -4.01
C ALA A 109 -0.34 9.46 -4.78
N ALA A 110 -1.12 8.48 -5.27
CA ALA A 110 -2.38 8.82 -5.94
C ALA A 110 -3.29 9.30 -4.82
N PRO A 111 -3.89 10.49 -4.93
CA PRO A 111 -4.62 10.98 -3.78
C PRO A 111 -5.89 10.22 -3.62
N LEU A 112 -6.22 9.91 -2.38
CA LEU A 112 -7.51 9.27 -2.05
C LEU A 112 -8.57 10.37 -1.99
N CYS A 113 -9.54 10.31 -2.87
CA CYS A 113 -10.54 11.34 -2.95
C CYS A 113 -11.89 10.90 -2.42
N ASN A 114 -12.62 11.90 -1.91
CA ASN A 114 -13.98 11.70 -1.40
C ASN A 114 -14.79 13.02 -1.35
N GLY A 115 -15.95 12.94 -0.71
CA GLY A 115 -16.83 14.07 -0.53
C GLY A 115 -17.64 14.42 -1.74
N ASP A 116 -18.10 15.66 -1.74
CA ASP A 116 -18.91 16.22 -2.80
C ASP A 116 -18.28 16.04 -4.16
N PRO A 117 -19.01 15.45 -5.10
CA PRO A 117 -18.49 15.27 -6.42
C PRO A 117 -18.08 16.54 -7.10
N ASP A 118 -18.91 17.58 -7.07
CA ASP A 118 -18.55 18.81 -7.73
C ASP A 118 -17.24 19.42 -7.18
N ASP A 119 -17.10 19.41 -5.85
CA ASP A 119 -15.91 19.99 -5.24
C ASP A 119 -14.66 19.19 -5.66
N LEU A 120 -14.86 17.91 -5.82
CA LEU A 120 -13.79 17.03 -6.23
C LEU A 120 -13.38 17.36 -7.64
N ILE A 121 -14.36 17.67 -8.48
CA ILE A 121 -14.02 18.03 -9.85
C ILE A 121 -13.06 19.23 -9.87
N LEU A 122 -13.38 20.20 -9.04
CA LEU A 122 -12.58 21.41 -9.00
C LEU A 122 -11.14 21.09 -8.64
N LYS A 123 -11.01 20.22 -7.66
CA LYS A 123 -9.70 19.82 -7.21
C LYS A 123 -8.93 19.04 -8.30
N LEU A 124 -9.59 18.07 -8.88
CA LEU A 124 -8.93 17.30 -9.92
C LEU A 124 -8.55 18.16 -11.06
N ALA A 125 -9.40 19.13 -11.36
CA ALA A 125 -9.14 19.94 -12.50
C ALA A 125 -7.81 20.64 -12.30
N ASP A 126 -7.49 20.87 -11.05
CA ASP A 126 -6.28 21.63 -10.76
C ASP A 126 -5.01 20.78 -10.66
N MET A 127 -5.10 19.47 -10.83
CA MET A 127 -3.92 18.63 -10.69
C MET A 127 -2.92 18.84 -11.85
N PRO A 128 -1.63 18.87 -11.49
CA PRO A 128 -0.59 19.02 -12.48
C PRO A 128 -0.14 17.64 -12.93
N GLY A 129 0.48 17.62 -14.09
CA GLY A 129 1.00 16.40 -14.63
C GLY A 129 -0.08 15.37 -14.86
N GLU A 130 0.25 14.11 -14.59
CA GLU A 130 -0.64 12.99 -14.81
C GLU A 130 -1.74 12.97 -13.78
N LYS A 131 -3.02 13.12 -14.22
CA LYS A 131 -4.14 13.11 -13.27
C LYS A 131 -4.59 11.68 -12.95
N VAL A 132 -4.15 11.19 -11.83
CA VAL A 132 -4.57 9.91 -11.35
C VAL A 132 -5.08 10.09 -9.94
N ALA A 133 -6.23 9.54 -9.67
CA ALA A 133 -6.78 9.64 -8.35
C ALA A 133 -7.50 8.35 -7.96
N LYS A 134 -7.65 8.14 -6.66
N LYS A 134 -7.64 8.13 -6.65
CA LYS A 134 -8.28 6.96 -6.13
CA LYS A 134 -8.28 6.96 -6.12
C LYS A 134 -9.63 7.26 -5.44
C LYS A 134 -9.62 7.26 -5.44
N VAL A 135 -10.65 6.49 -5.76
CA VAL A 135 -11.96 6.69 -5.15
C VAL A 135 -12.47 5.37 -4.63
N LYS A 136 -12.98 5.37 -3.43
CA LYS A 136 -13.53 4.14 -2.88
C LYS A 136 -14.95 3.95 -3.39
N VAL A 137 -15.34 2.74 -3.74
CA VAL A 137 -16.69 2.46 -4.16
C VAL A 137 -17.26 1.38 -3.28
N GLY A 138 -18.56 1.17 -3.37
CA GLY A 138 -19.17 0.11 -2.58
C GLY A 138 -19.66 0.51 -1.19
N LEU A 139 -19.62 1.78 -0.84
CA LEU A 139 -20.17 2.19 0.44
C LEU A 139 -21.58 2.68 0.20
N TYR A 140 -21.71 3.53 -0.80
CA TYR A 140 -23.04 3.94 -1.27
C TYR A 140 -23.63 2.84 -2.13
N GLU A 141 -24.80 3.06 -2.72
CA GLU A 141 -25.35 2.05 -3.64
C GLU A 141 -24.72 2.20 -5.02
N ALA A 142 -24.85 1.13 -5.79
CA ALA A 142 -24.16 1.04 -7.04
C ALA A 142 -24.51 2.14 -8.04
N VAL A 143 -25.76 2.54 -8.05
CA VAL A 143 -26.18 3.59 -8.97
C VAL A 143 -25.46 4.86 -8.68
N ARG A 144 -25.47 5.24 -7.38
CA ARG A 144 -24.79 6.45 -6.98
C ARG A 144 -23.32 6.40 -7.42
N ASP A 145 -22.64 5.31 -7.03
CA ASP A 145 -21.21 5.18 -7.44
C ASP A 145 -21.01 5.33 -8.93
N GLY A 146 -21.81 4.60 -9.74
CA GLY A 146 -21.64 4.71 -11.18
C GLY A 146 -21.90 6.12 -11.70
N MET A 147 -22.94 6.76 -11.20
CA MET A 147 -23.21 8.13 -11.69
C MET A 147 -22.12 9.11 -11.32
N VAL A 148 -21.59 8.98 -10.11
CA VAL A 148 -20.52 9.87 -9.68
C VAL A 148 -19.22 9.61 -10.45
N VAL A 149 -18.85 8.35 -10.63
CA VAL A 149 -17.67 8.09 -11.44
C VAL A 149 -17.86 8.70 -12.84
N ASN A 150 -19.03 8.54 -13.43
CA ASN A 150 -19.29 9.05 -14.73
C ASN A 150 -19.16 10.57 -14.76
N LEU A 151 -19.69 11.17 -13.71
CA LEU A 151 -19.59 12.61 -13.61
C LEU A 151 -18.15 13.09 -13.65
N LEU A 152 -17.31 12.43 -12.83
CA LEU A 152 -15.87 12.75 -12.74
C LEU A 152 -15.12 12.54 -14.05
N LEU A 153 -15.36 11.37 -14.65
CA LEU A 153 -14.78 11.09 -15.95
C LEU A 153 -15.24 12.02 -17.04
N GLU A 154 -16.53 12.35 -17.03
CA GLU A 154 -16.99 13.25 -18.04
C GLU A 154 -16.39 14.68 -17.88
N ALA A 155 -16.22 15.10 -16.62
CA ALA A 155 -15.74 16.43 -16.29
C ALA A 155 -14.29 16.66 -16.69
N ILE A 156 -13.48 15.64 -16.56
CA ILE A 156 -12.05 15.81 -16.83
C ILE A 156 -11.55 14.71 -17.74
N PRO A 157 -11.43 15.06 -18.99
CA PRO A 157 -11.10 14.14 -20.06
C PRO A 157 -9.81 13.37 -19.86
N ASP A 158 -8.89 13.94 -19.11
CA ASP A 158 -7.62 13.29 -18.95
C ASP A 158 -7.45 12.70 -17.59
N LEU A 159 -8.57 12.56 -16.89
CA LEU A 159 -8.53 11.95 -15.59
C LEU A 159 -8.55 10.42 -15.71
N HIS A 160 -7.76 9.76 -14.86
CA HIS A 160 -7.70 8.31 -14.73
C HIS A 160 -8.00 7.98 -13.33
N LEU A 161 -9.04 7.16 -13.12
CA LEU A 161 -9.45 6.85 -11.78
C LEU A 161 -9.13 5.47 -11.36
N ARG A 162 -8.65 5.33 -10.16
CA ARG A 162 -8.48 4.02 -9.60
C ARG A 162 -9.58 3.84 -8.63
N LEU A 163 -10.29 2.73 -8.76
CA LEU A 163 -11.38 2.47 -7.86
C LEU A 163 -11.11 1.29 -7.00
N ASP A 164 -11.79 1.26 -5.85
CA ASP A 164 -11.65 0.13 -4.97
C ASP A 164 -12.94 -0.25 -4.32
N ALA A 165 -13.49 -1.44 -4.70
CA ALA A 165 -14.74 -1.92 -4.08
C ALA A 165 -14.58 -2.81 -2.87
N ASN A 166 -13.34 -3.27 -2.57
CA ASN A 166 -13.16 -4.10 -1.43
C ASN A 166 -14.14 -5.27 -1.43
N ARG A 167 -14.33 -5.89 -2.63
CA ARG A 167 -15.17 -7.08 -2.74
C ARG A 167 -16.61 -6.86 -2.33
N ALA A 168 -17.06 -5.65 -2.55
CA ALA A 168 -18.40 -5.32 -2.09
C ALA A 168 -19.58 -5.97 -2.84
N TRP A 169 -19.48 -6.09 -4.15
CA TRP A 169 -20.62 -6.37 -5.01
C TRP A 169 -20.95 -7.77 -5.42
N THR A 170 -22.24 -7.96 -5.71
CA THR A 170 -22.71 -9.16 -6.39
C THR A 170 -22.58 -8.85 -7.86
N PRO A 171 -22.69 -9.86 -8.71
CA PRO A 171 -22.65 -9.60 -10.13
C PRO A 171 -23.68 -8.56 -10.54
N LEU A 172 -24.86 -8.58 -9.87
CA LEU A 172 -25.90 -7.61 -10.26
C LEU A 172 -25.51 -6.20 -9.94
N LYS A 173 -24.98 -6.01 -8.74
CA LYS A 173 -24.56 -4.69 -8.30
C LYS A 173 -23.43 -4.14 -9.18
N GLY A 174 -22.48 -5.00 -9.53
CA GLY A 174 -21.43 -4.58 -10.44
C GLY A 174 -22.01 -4.09 -11.77
N GLN A 175 -23.06 -4.81 -12.25
CA GLN A 175 -23.74 -4.42 -13.49
C GLN A 175 -24.43 -3.06 -13.31
N GLN A 176 -25.04 -2.90 -12.16
CA GLN A 176 -25.77 -1.67 -11.91
C GLN A 176 -24.79 -0.51 -11.85
N PHE A 177 -23.64 -0.74 -11.26
CA PHE A 177 -22.62 0.27 -11.27
C PHE A 177 -22.22 0.59 -12.66
N ALA A 178 -21.82 -0.42 -13.43
CA ALA A 178 -21.25 -0.21 -14.76
C ALA A 178 -22.16 0.51 -15.79
N LYS A 179 -23.45 0.22 -15.68
CA LYS A 179 -24.49 0.77 -16.57
C LYS A 179 -24.47 2.30 -16.61
N TYR A 180 -24.12 2.87 -15.46
CA TYR A 180 -24.08 4.30 -15.32
C TYR A 180 -22.76 4.90 -15.86
N VAL A 181 -21.78 4.07 -16.22
CA VAL A 181 -20.54 4.63 -16.73
C VAL A 181 -20.47 4.53 -18.21
N ASN A 182 -20.40 5.65 -18.85
CA ASN A 182 -20.41 5.73 -20.29
C ASN A 182 -19.31 4.84 -20.85
N PRO A 183 -19.63 3.96 -21.79
CA PRO A 183 -18.61 3.05 -22.30
C PRO A 183 -17.45 3.76 -22.88
N ASP A 184 -17.67 4.95 -23.40
CA ASP A 184 -16.56 5.72 -23.96
C ASP A 184 -15.57 6.21 -22.94
N TYR A 185 -15.93 6.14 -21.65
CA TYR A 185 -15.04 6.63 -20.59
C TYR A 185 -14.42 5.48 -19.84
N ARG A 186 -15.03 4.30 -19.99
CA ARG A 186 -14.59 3.14 -19.21
C ARG A 186 -13.08 2.88 -19.15
N ASP A 187 -12.39 3.17 -20.25
CA ASP A 187 -10.95 2.96 -20.33
C ASP A 187 -10.19 3.82 -19.38
N ARG A 188 -10.82 4.88 -18.92
CA ARG A 188 -10.19 5.80 -17.97
C ARG A 188 -10.40 5.41 -16.55
N ILE A 189 -11.06 4.24 -16.36
CA ILE A 189 -10.99 3.61 -15.07
C ILE A 189 -9.70 2.78 -15.14
N ALA A 190 -8.62 3.32 -14.60
CA ALA A 190 -7.31 2.61 -14.67
C ALA A 190 -7.44 1.19 -14.19
N PHE A 191 -8.11 1.02 -13.08
CA PHE A 191 -8.49 -0.30 -12.61
C PHE A 191 -9.50 -0.18 -11.51
N LEU A 192 -10.30 -1.22 -11.37
CA LEU A 192 -11.27 -1.32 -10.27
C LEU A 192 -10.88 -2.48 -9.37
N GLU A 193 -10.34 -2.17 -8.20
CA GLU A 193 -9.95 -3.26 -7.32
C GLU A 193 -11.09 -4.09 -6.81
N GLU A 194 -10.89 -5.40 -6.86
CA GLU A 194 -11.74 -6.36 -6.15
C GLU A 194 -13.25 -5.98 -6.18
N PRO A 195 -13.80 -5.90 -7.38
CA PRO A 195 -15.19 -5.54 -7.47
C PRO A 195 -16.10 -6.43 -6.67
N CYS A 196 -16.04 -7.75 -6.90
CA CYS A 196 -17.04 -8.64 -6.33
C CYS A 196 -16.62 -9.46 -5.17
N LYS A 197 -17.64 -10.04 -4.57
CA LYS A 197 -17.55 -10.92 -3.43
C LYS A 197 -16.63 -12.08 -3.66
N THR A 198 -16.63 -12.61 -4.89
CA THR A 198 -15.77 -13.76 -5.25
C THR A 198 -14.91 -13.40 -6.44
N ARG A 199 -13.76 -14.05 -6.51
CA ARG A 199 -12.87 -13.78 -7.61
C ARG A 199 -13.49 -14.18 -8.95
N ASP A 200 -14.23 -15.26 -8.97
CA ASP A 200 -14.87 -15.65 -10.25
C ASP A 200 -15.81 -14.58 -10.77
N ASP A 201 -16.58 -14.06 -9.84
CA ASP A 201 -17.50 -13.01 -10.24
C ASP A 201 -16.75 -11.75 -10.66
N SER A 202 -15.60 -11.45 -9.98
CA SER A 202 -14.85 -10.25 -10.37
C SER A 202 -14.33 -10.42 -11.78
N ARG A 203 -13.90 -11.66 -12.09
CA ARG A 203 -13.40 -11.96 -13.44
C ARG A 203 -14.51 -11.84 -14.50
N ALA A 204 -15.73 -12.25 -14.14
CA ALA A 204 -16.86 -12.13 -15.06
C ALA A 204 -17.19 -10.64 -15.32
N PHE A 205 -17.19 -9.90 -14.22
CA PHE A 205 -17.40 -8.45 -14.32
C PHE A 205 -16.44 -7.80 -15.33
N ALA A 206 -15.16 -8.12 -15.16
CA ALA A 206 -14.17 -7.52 -16.01
C ALA A 206 -14.35 -7.88 -17.44
N ARG A 207 -14.56 -9.17 -17.71
CA ARG A 207 -14.75 -9.60 -19.09
C ARG A 207 -16.06 -9.04 -19.69
N GLU A 208 -17.10 -8.98 -18.88
CA GLU A 208 -18.41 -8.58 -19.40
C GLU A 208 -18.65 -7.09 -19.59
N THR A 209 -18.09 -6.31 -18.66
CA THR A 209 -18.27 -4.84 -18.70
C THR A 209 -17.18 -4.08 -19.43
N GLY A 210 -16.01 -4.69 -19.62
CA GLY A 210 -14.92 -3.97 -20.30
C GLY A 210 -14.21 -3.03 -19.31
N ILE A 211 -14.57 -3.14 -18.04
CA ILE A 211 -13.92 -2.32 -17.02
C ILE A 211 -12.75 -3.11 -16.42
N ALA A 212 -11.51 -2.56 -16.53
CA ALA A 212 -10.33 -3.25 -15.95
C ALA A 212 -10.43 -3.45 -14.45
N ILE A 213 -9.98 -4.61 -13.97
CA ILE A 213 -9.98 -4.85 -12.60
C ILE A 213 -8.56 -5.06 -12.09
N ALA A 214 -8.41 -5.12 -10.80
CA ALA A 214 -7.13 -5.38 -10.18
C ALA A 214 -7.36 -6.28 -9.02
N TRP A 215 -6.30 -7.02 -8.61
CA TRP A 215 -6.40 -7.80 -7.44
C TRP A 215 -5.59 -7.09 -6.37
N ASP A 216 -6.04 -7.28 -5.15
CA ASP A 216 -5.42 -6.70 -3.94
C ASP A 216 -5.39 -7.77 -2.85
N GLU A 217 -6.47 -7.90 -2.09
CA GLU A 217 -6.59 -8.91 -1.07
C GLU A 217 -6.22 -10.28 -1.62
N SER A 218 -6.66 -10.55 -2.83
CA SER A 218 -6.46 -11.89 -3.44
C SER A 218 -4.99 -12.33 -3.40
N LEU A 219 -4.08 -11.37 -3.51
CA LEU A 219 -2.65 -11.69 -3.56
C LEU A 219 -2.15 -12.38 -2.32
N ARG A 220 -2.86 -12.14 -1.19
CA ARG A 220 -2.47 -12.68 0.08
C ARG A 220 -3.17 -13.97 0.43
N GLU A 221 -4.14 -14.37 -0.39
CA GLU A 221 -4.84 -15.62 -0.14
C GLU A 221 -3.99 -16.80 -0.55
N PRO A 222 -4.18 -17.89 0.15
CA PRO A 222 -3.45 -19.07 -0.18
C PRO A 222 -3.84 -19.55 -1.55
N ASP A 223 -2.81 -20.01 -2.27
CA ASP A 223 -2.97 -20.53 -3.60
C ASP A 223 -3.03 -19.47 -4.70
N PHE A 224 -2.90 -18.18 -4.34
CA PHE A 224 -2.98 -17.17 -5.40
C PHE A 224 -1.87 -17.44 -6.43
N ALA A 225 -2.13 -17.22 -7.68
CA ALA A 225 -1.14 -17.34 -8.72
C ALA A 225 -1.27 -16.17 -9.62
N PHE A 226 -0.14 -15.62 -10.03
CA PHE A 226 -0.12 -14.51 -10.95
C PHE A 226 -0.49 -15.02 -12.31
N VAL A 227 -1.57 -14.54 -12.87
CA VAL A 227 -1.89 -14.99 -14.19
C VAL A 227 -2.61 -14.01 -15.05
N ALA A 228 -2.31 -14.14 -16.34
CA ALA A 228 -2.97 -13.34 -17.35
C ALA A 228 -4.40 -13.82 -17.42
N GLU A 229 -5.32 -12.87 -17.29
CA GLU A 229 -6.75 -13.13 -17.29
C GLU A 229 -7.39 -11.94 -18.03
N GLU A 230 -8.32 -12.17 -18.94
CA GLU A 230 -8.93 -11.05 -19.63
C GLU A 230 -9.54 -10.03 -18.68
N GLY A 231 -9.26 -8.73 -18.86
CA GLY A 231 -9.87 -7.72 -18.01
C GLY A 231 -9.11 -7.44 -16.70
N VAL A 232 -8.15 -8.29 -16.36
CA VAL A 232 -7.33 -8.04 -15.20
C VAL A 232 -6.17 -7.14 -15.64
N ARG A 233 -6.06 -5.95 -15.09
CA ARG A 233 -5.03 -5.09 -15.61
C ARG A 233 -3.94 -4.78 -14.61
N ALA A 234 -4.21 -5.03 -13.36
CA ALA A 234 -3.22 -4.72 -12.31
C ALA A 234 -3.31 -5.57 -11.05
N VAL A 235 -2.22 -5.46 -10.25
CA VAL A 235 -2.14 -6.07 -8.94
C VAL A 235 -1.65 -5.04 -7.95
N VAL A 236 -2.16 -5.10 -6.78
CA VAL A 236 -1.83 -4.19 -5.66
C VAL A 236 -1.03 -4.96 -4.64
N ILE A 237 0.24 -4.55 -4.53
CA ILE A 237 1.18 -5.24 -3.66
C ILE A 237 1.47 -4.41 -2.43
N LYS A 238 1.05 -4.93 -1.31
N LYS A 238 1.04 -4.91 -1.28
CA LYS A 238 1.26 -4.29 -0.02
CA LYS A 238 1.28 -4.26 -0.01
C LYS A 238 2.42 -5.01 0.72
C LYS A 238 2.42 -4.99 0.70
N PRO A 239 3.62 -4.44 0.59
CA PRO A 239 4.79 -5.09 1.17
C PRO A 239 4.69 -5.60 2.56
N THR A 240 4.13 -4.80 3.47
CA THR A 240 4.04 -5.22 4.84
C THR A 240 3.24 -6.49 5.03
N LEU A 241 2.26 -6.70 4.18
CA LEU A 241 1.43 -7.91 4.26
C LEU A 241 1.99 -9.04 3.37
N THR A 242 3.06 -8.75 2.63
CA THR A 242 3.61 -9.69 1.63
C THR A 242 4.84 -10.45 2.14
N GLY A 243 5.82 -9.69 2.64
CA GLY A 243 7.08 -10.32 3.11
C GLY A 243 8.31 -9.52 2.66
N SER A 244 9.37 -10.24 2.31
CA SER A 244 10.61 -9.55 1.95
C SER A 244 10.56 -8.64 0.73
N LEU A 245 11.52 -7.70 0.73
CA LEU A 245 11.71 -6.82 -0.39
C LEU A 245 11.94 -7.68 -1.61
N GLU A 246 12.67 -8.79 -1.43
CA GLU A 246 12.96 -9.65 -2.60
C GLU A 246 11.69 -10.32 -3.16
N LYS A 247 10.81 -10.77 -2.24
CA LYS A 247 9.51 -11.38 -2.61
C LYS A 247 8.65 -10.33 -3.31
N VAL A 248 8.70 -9.09 -2.75
CA VAL A 248 8.01 -7.99 -3.39
C VAL A 248 8.50 -7.78 -4.80
N ARG A 249 9.81 -7.74 -4.97
CA ARG A 249 10.33 -7.51 -6.27
C ARG A 249 9.91 -8.65 -7.23
N GLU A 250 9.91 -9.89 -6.70
CA GLU A 250 9.52 -11.01 -7.53
C GLU A 250 8.09 -10.85 -8.03
N GLN A 251 7.25 -10.37 -7.12
CA GLN A 251 5.84 -10.13 -7.46
C GLN A 251 5.67 -9.05 -8.53
N VAL A 252 6.43 -7.94 -8.43
CA VAL A 252 6.36 -6.95 -9.44
C VAL A 252 6.82 -7.54 -10.79
N GLN A 253 7.86 -8.32 -10.71
CA GLN A 253 8.40 -8.88 -11.94
C GLN A 253 7.40 -9.82 -12.61
N ALA A 254 6.70 -10.57 -11.75
CA ALA A 254 5.69 -11.50 -12.22
C ALA A 254 4.58 -10.74 -12.92
N ALA A 255 4.13 -9.67 -12.27
CA ALA A 255 3.11 -8.83 -12.88
C ALA A 255 3.58 -8.26 -14.19
N HIS A 256 4.77 -7.70 -14.22
CA HIS A 256 5.19 -7.11 -15.45
C HIS A 256 5.31 -8.13 -16.60
N ALA A 257 5.77 -9.30 -16.22
CA ALA A 257 5.97 -10.37 -17.19
C ALA A 257 4.67 -10.73 -17.85
N LEU A 258 3.59 -10.52 -17.09
CA LEU A 258 2.23 -10.80 -17.57
C LEU A 258 1.56 -9.58 -18.21
N GLY A 259 2.30 -8.48 -18.36
CA GLY A 259 1.79 -7.26 -18.91
C GLY A 259 0.84 -6.54 -17.93
N LEU A 260 0.89 -6.90 -16.63
CA LEU A 260 0.05 -6.25 -15.62
C LEU A 260 0.79 -5.07 -15.03
N THR A 261 0.05 -4.10 -14.57
CA THR A 261 0.61 -3.00 -13.81
C THR A 261 0.71 -3.45 -12.38
N ALA A 262 1.79 -3.08 -11.68
CA ALA A 262 1.94 -3.44 -10.28
C ALA A 262 1.94 -2.14 -9.53
N VAL A 263 1.16 -2.04 -8.49
CA VAL A 263 1.10 -0.82 -7.70
C VAL A 263 1.60 -1.14 -6.31
N ILE A 264 2.58 -0.36 -5.80
CA ILE A 264 3.07 -0.56 -4.46
C ILE A 264 2.11 0.19 -3.57
N SER A 265 1.64 -0.46 -2.55
N SER A 265 1.59 -0.48 -2.56
CA SER A 265 0.57 0.09 -1.74
CA SER A 265 0.58 0.13 -1.72
C SER A 265 0.79 0.03 -0.24
C SER A 265 0.82 0.06 -0.23
N SER A 266 0.25 1.05 0.43
CA SER A 266 0.38 1.22 1.86
C SER A 266 -0.40 0.28 2.70
N SER A 267 0.17 -0.10 3.84
CA SER A 267 -0.54 -0.88 4.88
C SER A 267 -0.62 0.02 6.12
N ILE A 268 -0.71 1.35 5.87
N ILE A 268 -0.71 1.35 5.87
CA ILE A 268 -0.76 2.33 6.93
CA ILE A 268 -0.77 2.34 6.93
C ILE A 268 0.52 2.34 7.77
C ILE A 268 0.51 2.38 7.76
N GLU A 269 1.67 2.27 7.11
CA GLU A 269 2.94 2.31 7.86
C GLU A 269 3.16 3.74 8.35
N SER A 270 4.05 3.91 9.31
CA SER A 270 4.44 5.26 9.72
C SER A 270 5.22 5.85 8.57
N SER A 271 5.60 7.15 8.71
CA SER A 271 6.37 7.87 7.68
C SER A 271 7.61 7.08 7.27
N LEU A 272 8.22 6.46 8.23
CA LEU A 272 9.44 5.70 7.90
C LEU A 272 9.19 4.63 6.82
N GLY A 273 8.27 3.71 7.11
CA GLY A 273 7.95 2.67 6.15
C GLY A 273 7.39 3.26 4.85
N LEU A 274 6.57 4.34 4.97
CA LEU A 274 6.03 4.94 3.76
C LEU A 274 7.13 5.45 2.81
N THR A 275 8.15 6.14 3.37
CA THR A 275 9.19 6.62 2.51
C THR A 275 9.88 5.43 1.81
N GLN A 276 10.04 4.34 2.54
CA GLN A 276 10.67 3.16 1.94
C GLN A 276 9.83 2.60 0.80
N LEU A 277 8.51 2.64 0.99
CA LEU A 277 7.60 2.19 -0.12
C LEU A 277 7.74 3.08 -1.31
N ALA A 278 7.92 4.37 -1.07
CA ALA A 278 8.03 5.29 -2.17
C ALA A 278 9.29 5.00 -2.93
N ARG A 279 10.35 4.63 -2.21
CA ARG A 279 11.59 4.28 -2.88
C ARG A 279 11.47 2.98 -3.64
N ILE A 280 10.75 2.03 -3.05
CA ILE A 280 10.54 0.75 -3.74
C ILE A 280 9.80 0.96 -5.05
N ALA A 281 8.79 1.86 -4.97
CA ALA A 281 7.99 2.18 -6.13
C ALA A 281 8.76 2.88 -7.21
N ALA A 282 9.57 3.88 -6.81
CA ALA A 282 10.33 4.61 -7.81
C ALA A 282 11.32 3.66 -8.55
N TRP A 283 11.83 2.67 -7.79
CA TRP A 283 12.81 1.72 -8.32
C TRP A 283 12.20 0.63 -9.18
N LEU A 284 11.21 -0.06 -8.62
CA LEU A 284 10.61 -1.20 -9.23
C LEU A 284 9.44 -0.92 -10.14
N THR A 285 8.69 0.13 -9.85
CA THR A 285 7.49 0.48 -10.67
C THR A 285 7.56 1.96 -11.05
N PRO A 286 8.62 2.29 -11.75
CA PRO A 286 8.89 3.68 -12.07
C PRO A 286 7.75 4.44 -12.74
N ASP A 287 6.92 3.78 -13.54
CA ASP A 287 5.85 4.49 -14.24
C ASP A 287 4.49 4.37 -13.58
N THR A 288 4.45 3.86 -12.35
CA THR A 288 3.17 3.64 -11.72
C THR A 288 3.12 4.35 -10.40
N ILE A 289 2.32 5.43 -10.29
CA ILE A 289 2.26 6.10 -9.01
C ILE A 289 1.74 5.14 -7.93
N PRO A 290 2.40 5.12 -6.77
CA PRO A 290 2.02 4.18 -5.75
C PRO A 290 0.80 4.60 -4.93
N GLY A 291 0.26 3.65 -4.18
CA GLY A 291 -0.91 3.86 -3.34
C GLY A 291 -0.51 4.15 -1.94
N LEU A 292 0.12 5.31 -1.75
CA LEU A 292 0.66 5.61 -0.43
C LEU A 292 0.01 6.77 0.32
N ASP A 293 -1.21 7.11 -0.08
CA ASP A 293 -1.87 8.27 0.52
C ASP A 293 -2.53 7.95 1.81
N THR A 294 -1.73 7.59 2.80
CA THR A 294 -2.23 7.25 4.09
C THR A 294 -1.56 8.02 5.24
N LEU A 295 -0.54 8.84 4.96
CA LEU A 295 0.14 9.54 6.03
C LEU A 295 -0.81 10.50 6.77
N ASP A 296 -1.69 11.10 5.95
CA ASP A 296 -2.65 12.08 6.42
C ASP A 296 -3.73 11.57 7.29
N LEU A 297 -3.68 10.29 7.56
CA LEU A 297 -4.56 9.66 8.53
C LEU A 297 -3.93 9.69 9.91
N MET A 298 -2.64 10.07 10.00
CA MET A 298 -1.92 9.93 11.26
C MET A 298 -1.52 11.27 11.88
N GLN A 299 -1.35 11.27 13.20
CA GLN A 299 -1.07 12.51 13.89
C GLN A 299 0.36 12.96 13.84
N ALA A 300 1.26 12.04 13.52
CA ALA A 300 2.67 12.40 13.52
C ALA A 300 3.45 11.49 12.60
N GLN A 301 4.62 12.01 12.22
CA GLN A 301 5.65 11.34 11.45
C GLN A 301 6.65 10.85 12.47
N GLN A 302 7.54 9.92 12.09
CA GLN A 302 8.57 9.48 13.04
C GLN A 302 9.84 9.12 12.31
N VAL A 303 10.95 9.65 12.83
CA VAL A 303 12.31 9.35 12.38
C VAL A 303 12.65 9.86 11.01
N ARG A 304 11.91 9.43 10.03
CA ARG A 304 12.10 9.83 8.68
C ARG A 304 10.90 10.61 8.19
N ARG A 305 11.16 11.71 7.50
CA ARG A 305 10.12 12.61 7.01
C ARG A 305 9.70 12.29 5.61
N TRP A 306 8.36 12.40 5.35
CA TRP A 306 7.83 12.31 3.99
C TRP A 306 7.92 13.74 3.45
N PRO A 307 8.71 13.96 2.41
CA PRO A 307 8.94 15.30 1.94
C PRO A 307 7.66 16.05 1.65
N GLY A 308 7.58 17.26 2.16
CA GLY A 308 6.38 18.05 1.91
C GLY A 308 5.37 17.96 3.02
N SER A 309 5.46 16.96 3.88
CA SER A 309 4.51 16.84 4.93
C SER A 309 4.78 17.87 5.98
N THR A 310 3.73 18.37 6.60
CA THR A 310 3.90 19.32 7.67
C THR A 310 3.54 18.68 8.97
N LEU A 311 3.31 17.37 8.97
CA LEU A 311 3.00 16.78 10.24
C LEU A 311 4.22 16.88 11.16
N PRO A 312 3.98 16.89 12.48
CA PRO A 312 5.04 16.94 13.47
C PRO A 312 5.83 15.66 13.45
N VAL A 313 7.12 15.76 13.80
CA VAL A 313 8.04 14.61 13.81
C VAL A 313 8.48 14.19 15.19
N VAL A 314 8.32 12.90 15.47
CA VAL A 314 8.84 12.32 16.68
C VAL A 314 10.25 11.83 16.38
N GLU A 315 11.25 12.26 17.16
CA GLU A 315 12.62 11.84 16.93
C GLU A 315 12.93 10.53 17.62
N VAL A 316 13.97 9.84 17.11
CA VAL A 316 14.32 8.53 17.65
C VAL A 316 14.51 8.56 19.16
N ASP A 317 15.03 9.66 19.67
CA ASP A 317 15.32 9.72 21.09
C ASP A 317 14.09 9.64 21.93
N ALA A 318 12.95 9.91 21.30
CA ALA A 318 11.70 9.86 22.01
C ALA A 318 11.04 8.49 21.95
N LEU A 319 11.58 7.58 21.17
CA LEU A 319 10.96 6.25 21.08
C LEU A 319 11.47 5.27 22.15
N GLU A 320 10.60 4.33 22.50
CA GLU A 320 10.90 3.27 23.45
C GLU A 320 11.88 2.29 22.78
N ARG A 321 13.02 2.00 23.45
CA ARG A 321 14.05 1.08 22.90
C ARG A 321 13.86 -0.27 23.52
N LEU A 322 13.88 -1.32 22.70
CA LEU A 322 13.74 -2.64 23.26
C LEU A 322 15.08 -3.27 23.53
N LEU A 323 16.10 -2.85 22.78
CA LEU A 323 17.43 -3.38 23.00
C LEU A 323 18.29 -2.41 23.78
#